data_4QEO
#
_entry.id   4QEO
#
_cell.length_a   55.460
_cell.length_b   96.765
_cell.length_c   122.411
_cell.angle_alpha   90.00
_cell.angle_beta   90.00
_cell.angle_gamma   90.00
#
_symmetry.space_group_name_H-M   'P 21 21 21'
#
loop_
_entity.id
_entity.type
_entity.pdbx_description
1 polymer 'Histone-lysine N-methyltransferase, H3 lysine-9 specific SUVH4'
2 polymer "DNA 5'-GGTACT(5CM)ATCAGTAT-3'"
3 polymer "DNA 5'-ACTGATGAGTACCAT-3'"
4 polymer 'Histone H3'
5 non-polymer S-ADENOSYL-L-HOMOCYSTEINE
6 non-polymer 'ZINC ION'
7 water water
#
loop_
_entity_poly.entity_id
_entity_poly.type
_entity_poly.pdbx_seq_one_letter_code
_entity_poly.pdbx_strand_id
1 'polypeptide(L)'
;SNGKDVNLEPHLKVTKCLRLFNKQYLLCVQAKLSRPDLKGVTEMIKAKAILYPRKIIGDLPGIDVGHRFFSRAEMCAVGF
HNHWLNGIDYMSMEYEKEYSNYKLPLAVSIVMSGQYEDDLDNADTVTYTGQGGHNLTGNKRQIKDQLLERGNLALKHCCE
YNVPVRVTRGHNCKSSYTKRVYTYDGLYKVEKFWAQKGVSGFTVYKYRLKRLEGQPELTTDQVNFVAGRIPTSTSEIEGL
VCEDISGGLEFKGIPATNRVDDSPVSPTSGFTYIKSLIIEPNVIIPKSSTGCNCRGSCTDSKKCACAKLNGGNFPYVDLN
DGRLIESRDVVFECGPHCGCGPKCVNRTSQKRLRFNLEVFRSAKKGWAVRSWEYIPAGSPVCEYIGVVRRTADVDTISDN
EYIFEIDCQQTMQGLGGRQRRLRDVAVPMNNGVSQSSEDENAPEFCIDAGSTGNFARFINHSCEPNLFVQCVLSSHQDIR
LARVVLFAADNISPMQELTYDYGYALDSVHGPDGKVKQLACYCGALNCRKRLY
;
A
2 'polydeoxyribonucleotide' (DG)(DG)(DT)(DA)(DC)(DT)(5CM)(DA)(DT)(DC)(DA)(DG)(DT)(DA)(DT) C
3 'polydeoxyribonucleotide' (DA)(DC)(DT)(DG)(DA)(DT)(DG)(DA)(DG)(DT)(DA)(DC)(DC)(DA)(DT) D
4 'polypeptide(L)' ARTKQTARKSTGGKA P
#
loop_
_chem_comp.id
_chem_comp.type
_chem_comp.name
_chem_comp.formula
5CM DNA linking 5-METHYL-2'-DEOXY-CYTIDINE-5'-MONOPHOSPHATE 'C10 H16 N3 O7 P'
DA DNA linking 2'-DEOXYADENOSINE-5'-MONOPHOSPHATE 'C10 H14 N5 O6 P'
DC DNA linking 2'-DEOXYCYTIDINE-5'-MONOPHOSPHATE 'C9 H14 N3 O7 P'
DG DNA linking 2'-DEOXYGUANOSINE-5'-MONOPHOSPHATE 'C10 H14 N5 O7 P'
DT DNA linking THYMIDINE-5'-MONOPHOSPHATE 'C10 H15 N2 O8 P'
ZN non-polymer 'ZINC ION' 'Zn 2'
#
# COMPACT_ATOMS: atom_id res chain seq x y z
N LEU A 8 6.46 -10.57 -13.50
CA LEU A 8 6.34 -11.92 -14.04
C LEU A 8 5.60 -12.87 -13.09
N GLU A 9 6.13 -13.02 -11.88
CA GLU A 9 5.58 -13.88 -10.85
C GLU A 9 4.24 -13.31 -10.37
N PRO A 10 3.26 -14.18 -10.05
CA PRO A 10 1.90 -13.70 -9.76
C PRO A 10 1.76 -12.62 -8.69
N HIS A 11 2.50 -12.71 -7.59
CA HIS A 11 2.44 -11.66 -6.57
C HIS A 11 2.83 -10.30 -7.15
N LEU A 12 3.85 -10.29 -8.00
CA LEU A 12 4.26 -9.02 -8.60
C LEU A 12 3.22 -8.51 -9.61
N LYS A 13 2.58 -9.42 -10.32
CA LYS A 13 1.52 -9.03 -11.25
C LYS A 13 0.34 -8.39 -10.52
N VAL A 14 -0.02 -8.97 -9.37
CA VAL A 14 -1.04 -8.42 -8.49
C VAL A 14 -0.60 -7.02 -8.02
N THR A 15 0.61 -6.94 -7.49
CA THR A 15 1.17 -5.65 -7.03
C THR A 15 1.04 -4.57 -8.09
N LYS A 16 1.45 -4.92 -9.30
CA LYS A 16 1.45 -4.00 -10.43
C LYS A 16 0.05 -3.55 -10.79
N CYS A 17 -0.89 -4.51 -10.81
CA CYS A 17 -2.28 -4.19 -11.13
C CYS A 17 -2.87 -3.22 -10.11
N LEU A 18 -2.61 -3.49 -8.84
CA LEU A 18 -3.04 -2.61 -7.75
C LEU A 18 -2.39 -1.21 -7.82
N ARG A 19 -1.13 -1.13 -8.25
CA ARG A 19 -0.49 0.19 -8.43
C ARG A 19 -1.16 0.96 -9.56
N LEU A 20 -1.47 0.26 -10.65
CA LEU A 20 -2.16 0.89 -11.77
C LEU A 20 -3.54 1.42 -11.33
N PHE A 21 -4.28 0.60 -10.59
CA PHE A 21 -5.57 1.07 -10.06
C PHE A 21 -5.42 2.29 -9.14
N ASN A 22 -4.42 2.25 -8.25
CA ASN A 22 -4.18 3.42 -7.38
C ASN A 22 -3.94 4.68 -8.20
N LYS A 23 -3.18 4.53 -9.28
CA LYS A 23 -2.89 5.67 -10.13
C LYS A 23 -4.18 6.23 -10.74
N GLN A 24 -5.00 5.34 -11.32
CA GLN A 24 -6.25 5.80 -11.90
C GLN A 24 -7.19 6.45 -10.86
N TYR A 25 -7.28 5.83 -9.70
CA TYR A 25 -8.07 6.35 -8.59
C TYR A 25 -7.64 7.77 -8.23
N LEU A 26 -6.36 7.96 -7.99
CA LEU A 26 -5.90 9.29 -7.57
C LEU A 26 -6.11 10.33 -8.68
N LEU A 27 -5.96 9.91 -9.93
CA LEU A 27 -6.27 10.80 -11.04
C LEU A 27 -7.74 11.20 -11.05
N CYS A 28 -8.64 10.26 -10.72
CA CYS A 28 -10.08 10.58 -10.66
C CYS A 28 -10.41 11.46 -9.46
N VAL A 29 -9.74 11.23 -8.34
CA VAL A 29 -9.86 12.11 -7.17
C VAL A 29 -9.46 13.55 -7.56
N GLN A 30 -8.32 13.68 -8.24
CA GLN A 30 -7.84 14.99 -8.69
C GLN A 30 -8.83 15.65 -9.63
N ALA A 31 -9.41 14.85 -10.53
CA ALA A 31 -10.39 15.36 -11.48
C ALA A 31 -11.72 15.61 -10.79
N LYS A 32 -11.79 15.30 -9.50
CA LYS A 32 -12.96 15.62 -8.68
C LYS A 32 -14.22 14.92 -9.19
N LEU A 33 -14.08 13.74 -9.78
CA LEU A 33 -15.21 12.95 -10.18
C LEU A 33 -15.89 12.34 -8.98
N SER A 34 -17.15 11.99 -9.14
CA SER A 34 -17.87 11.27 -8.11
C SER A 34 -17.38 9.83 -8.03
N ARG A 35 -17.34 9.28 -6.84
CA ARG A 35 -16.98 7.88 -6.68
C ARG A 35 -15.76 7.55 -7.51
N PRO A 36 -14.68 8.25 -7.25
CA PRO A 36 -13.43 8.07 -7.99
C PRO A 36 -12.90 6.65 -7.87
N ASP A 37 -13.24 5.96 -6.80
CA ASP A 37 -12.93 4.56 -6.68
C ASP A 37 -13.57 3.74 -7.78
N LEU A 38 -14.81 4.02 -8.10
CA LEU A 38 -15.52 3.28 -9.15
C LEU A 38 -15.04 3.74 -10.53
N LYS A 39 -14.75 5.03 -10.64
CA LYS A 39 -14.23 5.57 -11.90
C LYS A 39 -12.89 4.94 -12.24
N GLY A 40 -12.07 4.69 -11.22
CA GLY A 40 -10.79 4.04 -11.43
C GLY A 40 -10.94 2.67 -12.05
N VAL A 41 -11.93 1.93 -11.55
CA VAL A 41 -12.21 0.60 -12.06
C VAL A 41 -12.67 0.70 -13.50
N THR A 42 -13.58 1.63 -13.77
CA THR A 42 -14.02 1.87 -15.14
C THR A 42 -12.83 2.13 -16.09
N GLU A 43 -11.87 2.94 -15.65
CA GLU A 43 -10.64 3.15 -16.43
C GLU A 43 -9.91 1.84 -16.67
N MET A 44 -9.83 0.99 -15.64
CA MET A 44 -9.12 -0.29 -15.76
C MET A 44 -9.82 -1.20 -16.78
N ILE A 45 -11.15 -1.18 -16.78
CA ILE A 45 -11.92 -1.99 -17.72
C ILE A 45 -11.69 -1.47 -19.14
N LYS A 46 -11.75 -0.15 -19.28
CA LYS A 46 -11.47 0.47 -20.58
C LYS A 46 -10.12 0.02 -21.13
N ALA A 47 -9.10 0.04 -20.27
CA ALA A 47 -7.75 -0.32 -20.68
C ALA A 47 -7.48 -1.83 -20.76
N LYS A 48 -8.51 -2.64 -20.57
CA LYS A 48 -8.33 -4.08 -20.48
C LYS A 48 -7.20 -4.46 -19.50
N ALA A 49 -7.21 -3.80 -18.34
CA ALA A 49 -6.15 -4.00 -17.36
C ALA A 49 -6.60 -4.79 -16.11
N ILE A 50 -7.80 -5.34 -16.14
CA ILE A 50 -8.26 -6.25 -15.08
C ILE A 50 -7.41 -7.53 -15.11
N LEU A 51 -6.65 -7.77 -14.06
CA LEU A 51 -5.70 -8.89 -14.02
C LEU A 51 -6.34 -10.27 -14.30
N TYR A 52 -7.47 -10.54 -13.67
CA TYR A 52 -8.18 -11.80 -13.90
C TYR A 52 -9.56 -11.47 -14.41
N PRO A 53 -9.69 -11.27 -15.73
CA PRO A 53 -10.91 -10.77 -16.38
C PRO A 53 -12.01 -11.82 -16.49
N ARG A 54 -11.68 -13.09 -16.23
CA ARG A 54 -12.68 -14.16 -16.21
C ARG A 54 -12.76 -14.74 -14.81
N LYS A 55 -13.92 -15.30 -14.48
CA LYS A 55 -14.11 -15.86 -13.16
C LYS A 55 -13.29 -17.12 -12.92
N ILE A 56 -12.91 -17.33 -11.66
CA ILE A 56 -12.02 -18.41 -11.26
C ILE A 56 -12.59 -19.04 -9.99
N ILE A 57 -12.69 -20.36 -9.99
CA ILE A 57 -13.02 -21.11 -8.77
C ILE A 57 -11.74 -21.38 -7.99
N GLY A 58 -11.74 -21.08 -6.70
CA GLY A 58 -10.57 -21.38 -5.89
C GLY A 58 -9.67 -20.17 -5.69
N ASP A 59 -8.39 -20.41 -5.46
CA ASP A 59 -7.47 -19.30 -5.17
C ASP A 59 -7.02 -18.63 -6.44
N LEU A 60 -6.77 -17.32 -6.39
CA LEU A 60 -6.15 -16.59 -7.51
C LEU A 60 -4.65 -16.50 -7.24
N PRO A 61 -3.83 -16.86 -8.23
CA PRO A 61 -2.37 -16.77 -8.07
C PRO A 61 -1.98 -15.36 -7.68
N GLY A 62 -1.16 -15.26 -6.64
CA GLY A 62 -0.65 -13.96 -6.21
C GLY A 62 -1.55 -13.28 -5.19
N ILE A 63 -2.71 -13.87 -4.92
CA ILE A 63 -3.56 -13.37 -3.84
C ILE A 63 -3.65 -14.42 -2.75
N ASP A 64 -2.81 -14.25 -1.73
CA ASP A 64 -2.68 -15.24 -0.69
C ASP A 64 -3.79 -15.06 0.32
N VAL A 65 -4.12 -16.13 1.01
CA VAL A 65 -5.00 -16.04 2.16
C VAL A 65 -4.43 -15.02 3.15
N GLY A 66 -5.29 -14.12 3.59
CA GLY A 66 -4.88 -12.99 4.41
C GLY A 66 -4.72 -11.69 3.65
N HIS A 67 -4.75 -11.75 2.33
CA HIS A 67 -4.58 -10.53 1.53
C HIS A 67 -5.52 -9.40 1.96
N ARG A 68 -4.99 -8.21 2.21
CA ARG A 68 -5.82 -7.08 2.58
C ARG A 68 -6.14 -6.17 1.39
N PHE A 69 -7.43 -5.98 1.14
CA PHE A 69 -7.88 -5.05 0.11
C PHE A 69 -8.35 -3.79 0.81
N PHE A 70 -8.13 -2.63 0.19
CA PHE A 70 -8.44 -1.36 0.85
C PHE A 70 -9.77 -0.76 0.38
N SER A 71 -10.44 -1.46 -0.54
CA SER A 71 -11.74 -1.02 -1.04
C SER A 71 -12.40 -2.17 -1.83
N ARG A 72 -13.73 -2.12 -1.99
CA ARG A 72 -14.43 -3.08 -2.87
C ARG A 72 -13.89 -2.92 -4.29
N ALA A 73 -13.64 -1.67 -4.66
CA ALA A 73 -13.13 -1.33 -5.99
C ALA A 73 -11.82 -2.04 -6.32
N GLU A 74 -10.90 -2.12 -5.36
CA GLU A 74 -9.61 -2.79 -5.58
C GLU A 74 -9.82 -4.24 -6.01
N MET A 75 -10.76 -4.89 -5.32
CA MET A 75 -11.15 -6.27 -5.64
C MET A 75 -11.68 -6.37 -7.06
N CYS A 76 -12.49 -5.40 -7.46
CA CYS A 76 -12.89 -5.37 -8.88
C CYS A 76 -11.69 -5.22 -9.82
N ALA A 77 -10.75 -4.33 -9.45
CA ALA A 77 -9.62 -4.02 -10.34
C ALA A 77 -8.76 -5.24 -10.58
N VAL A 78 -8.60 -6.11 -9.58
CA VAL A 78 -7.83 -7.34 -9.83
C VAL A 78 -8.66 -8.48 -10.46
N GLY A 79 -9.97 -8.38 -10.37
CA GLY A 79 -10.82 -9.45 -10.89
C GLY A 79 -11.15 -10.50 -9.84
N PHE A 80 -10.84 -10.18 -8.57
CA PHE A 80 -11.09 -11.05 -7.40
C PHE A 80 -12.58 -11.13 -7.05
N HIS A 81 -13.24 -9.97 -7.10
CA HIS A 81 -14.69 -9.90 -6.88
C HIS A 81 -15.20 -8.77 -7.79
N ASN A 82 -16.07 -9.13 -8.74
CA ASN A 82 -16.33 -8.27 -9.89
C ASN A 82 -17.52 -7.32 -9.82
N HIS A 83 -18.16 -7.26 -8.66
CA HIS A 83 -19.20 -6.26 -8.41
C HIS A 83 -18.70 -5.38 -7.30
N TRP A 84 -18.97 -4.08 -7.37
CA TRP A 84 -18.49 -3.18 -6.33
C TRP A 84 -19.46 -3.17 -5.15
N LEU A 85 -20.66 -3.66 -5.39
CA LEU A 85 -21.71 -3.70 -4.37
C LEU A 85 -22.09 -5.13 -3.95
N ASN A 86 -22.52 -5.96 -4.90
CA ASN A 86 -23.00 -7.32 -4.61
C ASN A 86 -22.11 -8.15 -3.69
N GLY A 87 -22.74 -8.78 -2.70
CA GLY A 87 -22.03 -9.66 -1.78
C GLY A 87 -21.58 -10.94 -2.44
N ILE A 88 -22.35 -11.38 -3.44
CA ILE A 88 -22.08 -12.67 -4.06
C ILE A 88 -21.68 -12.51 -5.53
N ASP A 89 -20.48 -12.98 -5.85
CA ASP A 89 -19.99 -13.01 -7.21
C ASP A 89 -20.04 -14.44 -7.74
N TYR A 90 -20.63 -14.61 -8.92
CA TYR A 90 -20.81 -15.96 -9.46
C TYR A 90 -20.66 -16.06 -10.97
N MET A 91 -20.34 -17.26 -11.43
CA MET A 91 -20.30 -17.56 -12.86
C MET A 91 -21.73 -17.69 -13.31
N SER A 92 -22.10 -16.88 -14.29
CA SER A 92 -23.42 -16.92 -14.89
C SER A 92 -23.49 -18.05 -15.90
N MET A 93 -24.65 -18.18 -16.57
CA MET A 93 -24.84 -19.23 -17.58
C MET A 93 -23.86 -19.12 -18.76
N GLU A 94 -23.19 -17.99 -18.90
CA GLU A 94 -22.21 -17.84 -19.97
C GLU A 94 -21.06 -18.85 -19.82
N TYR A 95 -20.86 -19.32 -18.61
CA TYR A 95 -19.77 -20.23 -18.29
C TYR A 95 -20.18 -21.68 -18.44
N GLU A 96 -21.41 -21.88 -18.88
CA GLU A 96 -22.02 -23.20 -18.87
C GLU A 96 -21.24 -24.24 -19.67
N LYS A 97 -20.81 -23.83 -20.86
CA LYS A 97 -20.10 -24.73 -21.76
C LYS A 97 -18.70 -25.05 -21.26
N GLU A 98 -18.06 -24.07 -20.63
CA GLU A 98 -16.74 -24.26 -20.04
C GLU A 98 -16.73 -25.22 -18.85
N TYR A 99 -17.80 -25.20 -18.06
CA TYR A 99 -17.88 -26.06 -16.88
C TYR A 99 -19.06 -27.01 -17.04
N SER A 100 -19.02 -27.79 -18.12
CA SER A 100 -20.19 -28.59 -18.54
C SER A 100 -20.54 -29.73 -17.58
N ASN A 101 -19.62 -30.05 -16.68
CA ASN A 101 -19.89 -31.13 -15.74
C ASN A 101 -20.55 -30.57 -14.47
N TYR A 102 -20.55 -29.26 -14.34
CA TYR A 102 -21.27 -28.58 -13.27
C TYR A 102 -22.60 -27.97 -13.75
N LYS A 103 -23.52 -27.75 -12.82
CA LYS A 103 -24.71 -26.97 -13.12
C LYS A 103 -24.42 -25.52 -12.78
N LEU A 104 -24.66 -24.61 -13.73
CA LEU A 104 -24.46 -23.19 -13.50
C LEU A 104 -25.79 -22.56 -13.08
N PRO A 105 -25.77 -21.39 -12.41
CA PRO A 105 -24.64 -20.56 -11.99
C PRO A 105 -23.88 -21.17 -10.82
N LEU A 106 -22.63 -20.75 -10.65
CA LEU A 106 -21.82 -21.23 -9.52
C LEU A 106 -21.18 -20.06 -8.83
N ALA A 107 -21.29 -19.97 -7.51
CA ALA A 107 -20.64 -18.87 -6.81
C ALA A 107 -19.14 -19.11 -6.70
N VAL A 108 -18.35 -18.02 -6.72
CA VAL A 108 -16.90 -18.15 -6.55
C VAL A 108 -16.34 -17.29 -5.42
N SER A 109 -17.07 -16.25 -5.02
CA SER A 109 -16.56 -15.28 -4.04
C SER A 109 -17.71 -14.57 -3.33
N ILE A 110 -17.65 -14.51 -2.01
CA ILE A 110 -18.63 -13.73 -1.25
C ILE A 110 -17.96 -12.73 -0.35
N VAL A 111 -18.68 -11.68 0.01
CA VAL A 111 -18.15 -10.68 0.93
C VAL A 111 -19.07 -10.57 2.13
N MET A 112 -18.51 -10.68 3.34
CA MET A 112 -19.27 -10.50 4.56
C MET A 112 -18.93 -9.15 5.18
N SER A 113 -19.89 -8.24 5.21
CA SER A 113 -19.57 -6.88 5.65
C SER A 113 -20.53 -6.48 6.74
N GLY A 114 -21.26 -7.46 7.27
CA GLY A 114 -22.14 -7.23 8.41
C GLY A 114 -23.37 -6.40 8.06
N GLN A 115 -23.79 -6.46 6.80
CA GLN A 115 -24.91 -5.64 6.35
C GLN A 115 -26.27 -6.35 6.42
N TYR A 116 -26.25 -7.68 6.50
CA TYR A 116 -27.51 -8.43 6.57
C TYR A 116 -27.72 -8.90 8.00
N GLU A 117 -28.88 -8.56 8.56
CA GLU A 117 -29.16 -8.82 9.96
C GLU A 117 -29.12 -10.32 10.31
N ASP A 118 -29.33 -11.19 9.32
CA ASP A 118 -29.30 -12.63 9.59
C ASP A 118 -27.90 -13.28 9.46
N ASP A 119 -26.88 -12.54 9.05
CA ASP A 119 -25.51 -13.10 8.98
C ASP A 119 -25.03 -13.45 10.39
N LEU A 120 -24.36 -14.60 10.53
CA LEU A 120 -23.76 -14.99 11.80
C LEU A 120 -22.32 -15.43 11.55
N ASP A 121 -21.36 -14.69 12.09
CA ASP A 121 -19.95 -14.94 11.88
C ASP A 121 -19.28 -15.59 13.06
N ASN A 122 -18.88 -16.82 12.84
CA ASN A 122 -18.14 -17.56 13.81
C ASN A 122 -16.82 -18.10 13.28
N ALA A 123 -16.14 -17.30 12.47
CA ALA A 123 -14.80 -17.58 12.02
C ALA A 123 -14.71 -18.75 11.07
N ASP A 124 -14.31 -19.90 11.57
CA ASP A 124 -14.22 -21.11 10.78
C ASP A 124 -15.60 -21.53 10.29
N THR A 125 -16.61 -21.12 11.00
CA THR A 125 -17.98 -21.42 10.61
C THR A 125 -18.76 -20.13 10.39
N VAL A 126 -19.54 -20.04 9.31
CA VAL A 126 -20.30 -18.84 9.02
C VAL A 126 -21.72 -19.23 8.59
N THR A 127 -22.71 -18.44 8.99
CA THR A 127 -24.05 -18.57 8.43
C THR A 127 -24.29 -17.30 7.61
N TYR A 128 -24.22 -17.44 6.29
CA TYR A 128 -24.25 -16.29 5.38
C TYR A 128 -25.63 -16.19 4.74
N THR A 129 -26.26 -15.02 4.88
CA THR A 129 -27.56 -14.83 4.29
C THR A 129 -27.45 -14.69 2.79
N GLY A 130 -28.41 -15.26 2.05
CA GLY A 130 -28.48 -15.02 0.62
C GLY A 130 -28.72 -13.54 0.30
N GLN A 131 -28.63 -13.20 -0.98
CA GLN A 131 -28.92 -11.84 -1.42
C GLN A 131 -30.44 -11.66 -1.63
N GLY A 132 -30.90 -10.43 -1.53
CA GLY A 132 -32.24 -10.11 -1.97
C GLY A 132 -33.10 -9.58 -0.85
N GLY A 133 -34.06 -8.74 -1.21
CA GLY A 133 -35.08 -8.28 -0.29
C GLY A 133 -34.51 -7.49 0.86
N HIS A 134 -33.34 -6.92 0.61
CA HIS A 134 -32.55 -6.23 1.62
C HIS A 134 -32.53 -4.72 1.35
N ASN A 135 -32.79 -3.93 2.37
CA ASN A 135 -32.72 -2.49 2.22
C ASN A 135 -31.25 -2.07 2.19
N LEU A 136 -30.82 -1.47 1.08
CA LEU A 136 -29.42 -1.04 0.93
C LEU A 136 -29.10 0.08 1.90
N THR A 137 -30.10 0.93 2.12
CA THR A 137 -29.97 2.08 3.00
C THR A 137 -30.94 1.99 4.17
N GLY A 138 -31.23 3.14 4.78
CA GLY A 138 -32.11 3.21 5.93
C GLY A 138 -31.72 2.23 7.03
N ASN A 139 -32.71 1.48 7.52
CA ASN A 139 -32.47 0.52 8.59
C ASN A 139 -31.60 -0.66 8.16
N LYS A 140 -31.49 -0.85 6.84
CA LYS A 140 -30.75 -1.96 6.24
C LYS A 140 -31.30 -3.32 6.62
N ARG A 141 -32.61 -3.41 6.81
CA ARG A 141 -33.24 -4.68 7.16
C ARG A 141 -33.88 -5.35 5.96
N GLN A 142 -34.29 -6.60 6.15
CA GLN A 142 -35.05 -7.33 5.14
C GLN A 142 -36.42 -6.67 4.99
N ILE A 143 -36.87 -6.49 3.76
CA ILE A 143 -38.16 -5.84 3.53
C ILE A 143 -39.07 -6.63 2.59
N LYS A 144 -38.57 -7.74 2.07
CA LYS A 144 -39.43 -8.73 1.42
C LYS A 144 -38.74 -10.07 1.39
N ASP A 145 -39.44 -11.08 0.88
CA ASP A 145 -38.93 -12.44 0.79
C ASP A 145 -37.77 -12.56 -0.17
N GLN A 146 -36.87 -13.50 0.14
CA GLN A 146 -35.83 -13.89 -0.81
C GLN A 146 -36.29 -15.01 -1.75
N LEU A 147 -35.58 -15.18 -2.86
CA LEU A 147 -35.85 -16.24 -3.81
C LEU A 147 -34.59 -17.02 -4.13
N LEU A 148 -34.77 -18.29 -4.47
CA LEU A 148 -33.65 -19.16 -4.79
C LEU A 148 -33.23 -18.92 -6.24
N GLU A 149 -32.58 -17.79 -6.46
CA GLU A 149 -32.08 -17.37 -7.76
C GLU A 149 -30.82 -16.52 -7.65
N ARG A 150 -30.15 -16.33 -8.77
CA ARG A 150 -28.97 -15.55 -8.82
C ARG A 150 -27.93 -16.13 -7.86
N GLY A 151 -27.39 -15.31 -6.99
CA GLY A 151 -26.36 -15.72 -6.07
C GLY A 151 -26.79 -16.84 -5.13
N ASN A 152 -28.04 -16.82 -4.73
CA ASN A 152 -28.61 -17.85 -3.94
C ASN A 152 -28.64 -19.21 -4.64
N LEU A 153 -29.04 -19.23 -5.90
CA LEU A 153 -28.97 -20.43 -6.73
C LEU A 153 -27.50 -20.86 -6.93
N ALA A 154 -26.62 -19.88 -7.12
CA ALA A 154 -25.19 -20.13 -7.35
C ALA A 154 -24.54 -20.81 -6.14
N LEU A 155 -24.83 -20.30 -4.95
CA LEU A 155 -24.35 -20.93 -3.70
C LEU A 155 -24.95 -22.30 -3.50
N LYS A 156 -26.23 -22.46 -3.87
CA LYS A 156 -26.85 -23.79 -3.81
C LYS A 156 -26.08 -24.80 -4.68
N HIS A 157 -25.70 -24.37 -5.88
CA HIS A 157 -24.97 -25.28 -6.76
C HIS A 157 -23.58 -25.59 -6.19
N CYS A 158 -22.97 -24.59 -5.55
CA CYS A 158 -21.68 -24.84 -4.88
C CYS A 158 -21.80 -25.96 -3.86
N CYS A 159 -22.82 -25.86 -3.01
CA CYS A 159 -23.12 -26.91 -2.03
C CYS A 159 -23.28 -28.26 -2.69
N GLU A 160 -24.08 -28.29 -3.75
CA GLU A 160 -24.39 -29.55 -4.44
C GLU A 160 -23.19 -30.19 -5.18
N TYR A 161 -22.22 -29.37 -5.56
CA TYR A 161 -21.04 -29.88 -6.28
C TYR A 161 -19.70 -29.84 -5.53
N ASN A 162 -19.75 -29.49 -4.25
CA ASN A 162 -18.57 -29.33 -3.44
C ASN A 162 -17.57 -28.29 -3.97
N VAL A 163 -18.08 -27.24 -4.59
CA VAL A 163 -17.24 -26.16 -5.13
C VAL A 163 -17.02 -25.10 -4.06
N PRO A 164 -15.74 -24.82 -3.73
CA PRO A 164 -15.47 -23.87 -2.66
C PRO A 164 -15.66 -22.42 -3.11
N VAL A 165 -15.88 -21.58 -2.13
CA VAL A 165 -16.13 -20.16 -2.35
C VAL A 165 -15.06 -19.39 -1.59
N ARG A 166 -14.51 -18.34 -2.21
CA ARG A 166 -13.64 -17.41 -1.49
C ARG A 166 -14.50 -16.56 -0.57
N VAL A 167 -14.01 -16.34 0.63
CA VAL A 167 -14.74 -15.56 1.62
C VAL A 167 -13.87 -14.39 2.08
N THR A 168 -14.43 -13.19 2.01
CA THR A 168 -13.72 -11.96 2.35
C THR A 168 -14.55 -11.19 3.36
N ARG A 169 -13.88 -10.70 4.41
CA ARG A 169 -14.58 -9.99 5.49
C ARG A 169 -14.22 -8.50 5.47
N GLY A 170 -15.23 -7.66 5.61
CA GLY A 170 -15.02 -6.25 5.84
C GLY A 170 -14.67 -6.07 7.30
N HIS A 171 -13.85 -5.07 7.59
CA HIS A 171 -13.40 -4.77 8.94
C HIS A 171 -13.39 -3.26 9.05
N ASN A 172 -13.93 -2.75 10.15
CA ASN A 172 -13.81 -1.33 10.47
C ASN A 172 -12.42 -1.03 10.96
N CYS A 173 -11.87 0.11 10.53
CA CYS A 173 -10.56 0.54 10.97
C CYS A 173 -10.64 1.86 11.72
N LYS A 174 -10.01 1.93 12.88
CA LYS A 174 -9.79 3.22 13.54
C LYS A 174 -8.42 3.71 13.11
N SER A 175 -8.39 4.32 11.93
CA SER A 175 -7.16 4.76 11.30
C SER A 175 -7.38 6.18 10.81
N SER A 176 -6.31 6.95 10.69
CA SER A 176 -6.39 8.31 10.21
C SER A 176 -7.02 8.39 8.81
N TYR A 177 -6.63 7.44 7.96
CA TYR A 177 -6.93 7.51 6.54
C TYR A 177 -7.75 6.40 5.94
N THR A 178 -7.80 5.26 6.60
CA THR A 178 -8.49 4.10 6.06
C THR A 178 -9.67 3.73 6.91
N LYS A 179 -10.84 3.96 6.43
CA LYS A 179 -12.02 3.61 7.16
C LYS A 179 -12.33 2.12 7.26
N ARG A 180 -12.14 1.44 6.16
CA ARG A 180 -12.46 0.02 6.02
C ARG A 180 -11.44 -0.79 5.24
N VAL A 181 -11.29 -2.04 5.59
CA VAL A 181 -10.41 -2.93 4.91
C VAL A 181 -11.09 -4.29 4.72
N TYR A 182 -10.77 -4.97 3.65
CA TYR A 182 -11.39 -6.25 3.32
C TYR A 182 -10.30 -7.32 3.31
N THR A 183 -10.42 -8.35 4.14
CA THR A 183 -9.39 -9.39 4.13
C THR A 183 -9.94 -10.64 3.50
N TYR A 184 -9.23 -11.16 2.50
CA TYR A 184 -9.52 -12.47 1.97
C TYR A 184 -9.14 -13.53 3.00
N ASP A 185 -10.13 -14.31 3.46
CA ASP A 185 -9.90 -15.21 4.57
C ASP A 185 -9.80 -16.68 4.18
N GLY A 186 -9.74 -16.95 2.88
CA GLY A 186 -9.56 -18.32 2.41
C GLY A 186 -10.81 -18.95 1.80
N LEU A 187 -10.68 -20.22 1.42
CA LEU A 187 -11.79 -20.93 0.82
C LEU A 187 -12.71 -21.58 1.88
N TYR A 188 -14.01 -21.56 1.62
CA TYR A 188 -15.01 -22.25 2.46
C TYR A 188 -15.87 -23.11 1.56
N LYS A 189 -16.33 -24.24 2.08
CA LYS A 189 -17.37 -24.97 1.40
C LYS A 189 -18.73 -24.50 1.88
N VAL A 190 -19.75 -24.65 1.03
CA VAL A 190 -21.12 -24.52 1.46
C VAL A 190 -21.57 -25.89 1.95
N GLU A 191 -21.70 -26.01 3.27
CA GLU A 191 -22.03 -27.27 3.91
C GLU A 191 -23.49 -27.56 3.70
N LYS A 192 -24.31 -26.56 3.91
CA LYS A 192 -25.72 -26.78 3.60
C LYS A 192 -26.45 -25.48 3.51
N PHE A 193 -27.71 -25.52 3.10
CA PHE A 193 -28.46 -24.27 2.97
C PHE A 193 -29.92 -24.54 3.15
N TRP A 194 -30.67 -23.52 3.54
CA TRP A 194 -32.10 -23.76 3.75
C TRP A 194 -32.84 -22.45 3.72
N ALA A 195 -34.17 -22.47 3.70
CA ALA A 195 -34.96 -21.25 3.75
C ALA A 195 -35.62 -21.21 5.12
N GLN A 196 -35.75 -20.03 5.70
CA GLN A 196 -36.49 -19.88 6.95
C GLN A 196 -36.94 -18.44 7.06
N LYS A 197 -37.81 -18.13 8.02
CA LYS A 197 -38.11 -16.75 8.34
C LYS A 197 -36.90 -16.13 9.04
N GLY A 198 -36.46 -14.99 8.55
CA GLY A 198 -35.37 -14.24 9.17
C GLY A 198 -35.92 -13.46 10.34
N VAL A 199 -35.05 -12.71 11.02
CA VAL A 199 -35.45 -11.98 12.21
C VAL A 199 -36.53 -10.93 11.92
N SER A 200 -36.59 -10.42 10.70
CA SER A 200 -37.63 -9.44 10.34
C SER A 200 -38.93 -10.09 9.85
N GLY A 201 -38.95 -11.42 9.74
CA GLY A 201 -40.18 -12.11 9.38
C GLY A 201 -40.38 -12.42 7.91
N PHE A 202 -39.42 -12.07 7.06
CA PHE A 202 -39.47 -12.44 5.66
C PHE A 202 -38.59 -13.67 5.42
N THR A 203 -38.89 -14.42 4.37
CA THR A 203 -38.07 -15.57 4.01
C THR A 203 -36.66 -15.11 3.66
N VAL A 204 -35.68 -15.74 4.28
CA VAL A 204 -34.29 -15.66 3.85
C VAL A 204 -33.72 -17.05 3.59
N TYR A 205 -32.77 -17.09 2.66
CA TYR A 205 -31.98 -18.29 2.44
C TYR A 205 -30.75 -18.14 3.31
N LYS A 206 -30.30 -19.24 3.89
CA LYS A 206 -29.16 -19.23 4.78
C LYS A 206 -28.19 -20.29 4.29
N TYR A 207 -26.91 -19.95 4.28
CA TYR A 207 -25.85 -20.78 3.72
C TYR A 207 -24.85 -21.03 4.84
N ARG A 208 -24.74 -22.29 5.25
CA ARG A 208 -23.76 -22.64 6.25
C ARG A 208 -22.47 -23.04 5.55
N LEU A 209 -21.44 -22.25 5.87
CA LEU A 209 -20.10 -22.36 5.29
C LEU A 209 -19.11 -22.82 6.34
N LYS A 210 -18.17 -23.67 5.91
CA LYS A 210 -17.12 -24.22 6.78
C LYS A 210 -15.81 -24.00 6.07
N ARG A 211 -14.84 -23.41 6.76
CA ARG A 211 -13.54 -23.10 6.17
C ARG A 211 -12.82 -24.40 5.84
N LEU A 212 -12.21 -24.44 4.66
CA LEU A 212 -11.49 -25.62 4.21
C LEU A 212 -10.17 -25.83 4.94
N GLU A 213 -9.76 -27.09 5.07
CA GLU A 213 -8.49 -27.45 5.68
C GLU A 213 -7.37 -27.11 4.71
N GLY A 214 -6.12 -27.18 5.17
CA GLY A 214 -4.98 -26.92 4.30
C GLY A 214 -4.62 -25.44 4.10
N GLN A 215 -5.17 -24.57 4.93
CA GLN A 215 -4.94 -23.15 4.77
C GLN A 215 -4.30 -22.59 6.02
N PRO A 216 -3.67 -21.41 5.92
CA PRO A 216 -3.15 -20.76 7.13
C PRO A 216 -4.28 -20.53 8.12
N GLU A 217 -3.98 -20.56 9.41
CA GLU A 217 -5.01 -20.43 10.43
C GLU A 217 -5.66 -19.06 10.33
N LEU A 218 -6.96 -18.97 10.58
CA LEU A 218 -7.59 -17.67 10.71
C LEU A 218 -6.98 -16.96 11.92
N THR A 219 -6.54 -15.74 11.69
CA THR A 219 -5.88 -14.96 12.72
C THR A 219 -6.88 -14.02 13.39
N THR A 220 -6.69 -13.85 14.69
CA THR A 220 -7.48 -12.94 15.49
C THR A 220 -6.85 -11.54 15.44
N ASP A 221 -7.67 -10.52 15.68
CA ASP A 221 -7.23 -9.15 15.98
C ASP A 221 -8.46 -8.25 16.06
N ILE A 237 6.31 -1.87 27.13
CA ILE A 237 6.13 -2.48 25.83
C ILE A 237 7.38 -3.28 25.43
N GLU A 238 7.17 -4.44 24.81
CA GLU A 238 8.17 -5.52 24.75
C GLU A 238 9.45 -5.30 23.95
N GLY A 239 10.59 -5.59 24.58
CA GLY A 239 11.88 -5.51 23.92
C GLY A 239 12.30 -4.07 23.64
N LEU A 240 11.58 -3.14 24.24
CA LEU A 240 11.86 -1.71 24.10
C LEU A 240 13.29 -1.39 24.49
N VAL A 241 13.97 -0.65 23.63
CA VAL A 241 15.36 -0.30 23.87
C VAL A 241 15.50 1.21 23.96
N CYS A 242 14.63 1.91 23.23
CA CYS A 242 14.65 3.35 23.20
C CYS A 242 13.21 3.85 23.05
N GLU A 243 12.78 4.72 23.97
CA GLU A 243 11.43 5.24 23.98
C GLU A 243 11.11 6.06 22.71
N ASP A 244 12.15 6.55 22.04
CA ASP A 244 12.01 7.41 20.86
C ASP A 244 13.38 7.73 20.25
N ILE A 245 13.70 7.14 19.11
CA ILE A 245 15.02 7.37 18.50
C ILE A 245 15.21 8.83 18.07
N SER A 246 14.11 9.51 17.76
CA SER A 246 14.19 10.92 17.42
C SER A 246 14.44 11.67 18.72
N GLY A 247 14.72 12.96 18.65
CA GLY A 247 15.02 13.68 19.87
C GLY A 247 13.79 13.91 20.73
N GLY A 248 12.64 13.54 20.19
CA GLY A 248 11.39 14.18 20.54
C GLY A 248 11.20 15.17 19.41
N LEU A 249 12.07 15.03 18.41
CA LEU A 249 12.10 15.87 17.22
C LEU A 249 10.96 15.56 16.25
N GLU A 250 10.69 14.29 16.02
CA GLU A 250 9.59 13.91 15.16
C GLU A 250 8.27 14.18 15.84
N PHE A 251 7.28 14.56 15.04
CA PHE A 251 5.96 14.89 15.54
C PHE A 251 5.32 13.67 16.21
N LYS A 252 5.70 12.49 15.73
CA LYS A 252 5.28 11.25 16.34
C LYS A 252 6.52 10.48 16.74
N GLY A 253 6.59 10.07 18.00
CA GLY A 253 7.77 9.36 18.50
C GLY A 253 8.02 8.07 17.76
N ILE A 254 9.30 7.72 17.62
CA ILE A 254 9.67 6.47 16.96
C ILE A 254 10.41 5.55 17.93
N PRO A 255 9.65 4.68 18.61
CA PRO A 255 10.27 3.69 19.51
C PRO A 255 11.15 2.68 18.78
N ALA A 256 12.11 2.12 19.50
CA ALA A 256 12.98 1.08 18.95
C ALA A 256 12.95 -0.15 19.85
N THR A 257 12.85 -1.33 19.24
CA THR A 257 12.86 -2.58 20.00
C THR A 257 13.88 -3.57 19.47
N ASN A 258 14.50 -4.31 20.37
CA ASN A 258 15.25 -5.48 20.01
C ASN A 258 14.59 -6.62 20.74
N ARG A 259 14.02 -7.52 19.96
CA ARG A 259 13.42 -8.70 20.51
C ARG A 259 14.34 -9.81 20.13
N VAL A 260 15.21 -9.57 19.18
CA VAL A 260 16.18 -10.56 18.76
C VAL A 260 17.28 -10.85 19.76
N ASP A 261 17.85 -9.81 20.34
CA ASP A 261 18.95 -9.98 21.27
C ASP A 261 18.68 -9.43 22.66
N ASP A 262 19.00 -10.20 23.68
CA ASP A 262 19.35 -9.63 24.96
C ASP A 262 20.71 -9.16 24.55
N SER A 263 21.30 -8.20 25.24
CA SER A 263 22.44 -7.53 24.65
C SER A 263 21.97 -6.32 23.85
N PRO A 264 20.98 -5.65 24.43
CA PRO A 264 20.15 -4.63 23.79
C PRO A 264 20.64 -3.19 23.76
N VAL A 265 21.64 -2.92 22.93
CA VAL A 265 22.04 -1.55 22.66
C VAL A 265 20.99 -0.95 21.76
N SER A 266 20.94 0.37 21.69
CA SER A 266 19.94 1.06 20.92
C SER A 266 20.59 1.60 19.67
N PRO A 267 19.82 1.72 18.60
CA PRO A 267 20.30 2.12 17.28
C PRO A 267 20.89 3.54 17.29
N THR A 268 20.53 4.32 18.29
CA THR A 268 20.99 5.72 18.38
C THR A 268 22.46 5.85 18.77
N SER A 269 23.01 4.83 19.43
CA SER A 269 24.41 4.85 19.84
C SER A 269 25.36 5.09 18.66
N GLY A 270 26.15 6.16 18.75
CA GLY A 270 27.08 6.51 17.69
C GLY A 270 26.41 7.29 16.58
N PHE A 271 25.13 7.63 16.80
CA PHE A 271 24.30 8.27 15.79
C PHE A 271 23.47 9.39 16.42
N THR A 272 23.42 10.56 15.78
CA THR A 272 22.64 11.66 16.32
C THR A 272 21.53 12.08 15.37
N TYR A 273 20.32 12.14 15.91
CA TYR A 273 19.14 12.38 15.10
C TYR A 273 19.00 13.83 14.71
N ILE A 274 18.84 14.07 13.40
CA ILE A 274 18.53 15.40 12.88
C ILE A 274 17.32 15.35 11.96
N LYS A 275 16.60 16.47 11.86
CA LYS A 275 15.43 16.55 10.98
C LYS A 275 15.77 17.31 9.71
N SER A 276 16.94 17.95 9.69
CA SER A 276 17.31 18.78 8.55
C SER A 276 18.67 18.37 8.01
N LEU A 277 18.82 18.46 6.69
CA LEU A 277 20.10 18.25 6.05
C LEU A 277 21.20 19.13 6.63
N ILE A 278 22.40 18.58 6.74
CA ILE A 278 23.59 19.37 7.04
C ILE A 278 24.44 19.40 5.78
N ILE A 279 24.88 20.57 5.37
CA ILE A 279 25.66 20.65 4.13
C ILE A 279 27.14 20.91 4.41
N GLU A 280 28.00 20.01 3.92
CA GLU A 280 29.44 20.14 4.16
C GLU A 280 30.01 21.38 3.49
N PRO A 281 31.10 21.93 4.06
CA PRO A 281 31.83 23.11 3.54
C PRO A 281 32.11 23.09 2.04
N ASN A 282 32.55 21.95 1.52
CA ASN A 282 32.99 21.85 0.13
C ASN A 282 31.85 21.55 -0.83
N VAL A 283 30.66 21.35 -0.28
CA VAL A 283 29.47 21.21 -1.09
C VAL A 283 28.88 22.59 -1.33
N ILE A 284 28.52 22.86 -2.57
CA ILE A 284 28.02 24.18 -2.96
C ILE A 284 26.52 24.28 -2.81
N ILE A 285 26.05 25.41 -2.30
CA ILE A 285 24.61 25.61 -2.18
C ILE A 285 24.10 26.38 -3.40
N PRO A 286 23.26 25.72 -4.21
CA PRO A 286 22.72 26.28 -5.46
C PRO A 286 21.93 27.54 -5.20
N LYS A 287 21.69 28.34 -6.23
CA LYS A 287 20.86 29.53 -6.08
C LYS A 287 19.42 29.14 -5.75
N SER A 288 18.78 29.91 -4.88
CA SER A 288 17.40 29.64 -4.46
C SER A 288 16.43 29.79 -5.63
N SER A 289 15.40 28.94 -5.67
CA SER A 289 14.36 29.08 -6.70
C SER A 289 13.48 30.28 -6.43
N THR A 290 12.79 30.75 -7.47
CA THR A 290 12.01 31.98 -7.35
C THR A 290 10.68 31.70 -6.66
N GLY A 291 10.02 30.63 -7.04
CA GLY A 291 8.77 30.24 -6.42
C GLY A 291 7.56 30.91 -7.03
N CYS A 292 6.38 30.56 -6.51
CA CYS A 292 5.11 31.04 -7.04
C CYS A 292 4.53 32.16 -6.19
N ASN A 293 3.50 32.83 -6.70
CA ASN A 293 2.95 33.99 -6.00
C ASN A 293 1.56 33.75 -5.40
N CYS A 294 1.17 32.48 -5.30
CA CYS A 294 -0.15 32.14 -4.78
C CYS A 294 -0.29 32.53 -3.30
N ARG A 295 -1.50 32.80 -2.86
CA ARG A 295 -1.75 33.07 -1.45
C ARG A 295 -2.43 31.88 -0.78
N GLY A 296 -1.98 31.52 0.42
CA GLY A 296 -2.61 30.48 1.19
C GLY A 296 -2.26 29.07 0.74
N SER A 297 -2.90 28.61 -0.33
CA SER A 297 -2.60 27.30 -0.91
C SER A 297 -2.64 27.35 -2.43
N CYS A 298 -1.83 26.52 -3.08
CA CYS A 298 -1.75 26.50 -4.53
C CYS A 298 -2.76 25.52 -5.12
N THR A 299 -3.72 26.04 -5.87
CA THR A 299 -4.86 25.28 -6.37
C THR A 299 -5.03 25.38 -7.89
N ASP A 300 -4.72 26.54 -8.45
CA ASP A 300 -4.90 26.73 -9.88
C ASP A 300 -3.60 26.58 -10.64
N SER A 301 -3.57 25.62 -11.57
CA SER A 301 -2.39 25.35 -12.38
C SER A 301 -2.07 26.47 -13.38
N LYS A 302 -3.04 27.33 -13.66
CA LYS A 302 -2.79 28.49 -14.51
C LYS A 302 -1.86 29.47 -13.81
N LYS A 303 -2.29 29.99 -12.67
CA LYS A 303 -1.52 30.99 -11.92
C LYS A 303 -0.18 30.45 -11.42
N CYS A 304 -0.21 29.33 -10.71
CA CYS A 304 0.94 28.79 -10.01
C CYS A 304 2.10 28.34 -10.90
N ALA A 305 3.24 29.02 -10.75
CA ALA A 305 4.46 28.69 -11.49
C ALA A 305 5.03 27.32 -11.12
N CYS A 306 4.78 26.87 -9.91
CA CYS A 306 5.36 25.60 -9.48
C CYS A 306 4.66 24.45 -10.23
N ALA A 307 3.35 24.59 -10.40
CA ALA A 307 2.59 23.66 -11.23
C ALA A 307 3.17 23.63 -12.65
N LYS A 308 3.43 24.82 -13.19
CA LYS A 308 4.01 24.95 -14.52
C LYS A 308 5.33 24.19 -14.60
N LEU A 309 6.13 24.29 -13.55
CA LEU A 309 7.36 23.52 -13.46
C LEU A 309 7.07 22.04 -13.54
N ASN A 310 5.94 21.60 -12.99
CA ASN A 310 5.63 20.17 -13.04
C ASN A 310 5.03 19.68 -14.37
N GLY A 311 4.89 20.60 -15.31
CA GLY A 311 4.36 20.26 -16.62
C GLY A 311 2.94 20.74 -16.82
N GLY A 312 2.49 21.62 -15.93
CA GLY A 312 1.19 22.23 -16.05
C GLY A 312 0.14 21.62 -15.13
N ASN A 313 0.60 20.84 -14.16
CA ASN A 313 -0.32 20.15 -13.27
C ASN A 313 0.31 19.85 -11.91
N PHE A 314 -0.53 19.74 -10.88
CA PHE A 314 -0.04 19.38 -9.55
C PHE A 314 0.21 17.89 -9.43
N PRO A 315 1.41 17.52 -8.96
CA PRO A 315 1.81 16.13 -8.79
C PRO A 315 1.15 15.47 -7.58
N TYR A 316 0.67 16.28 -6.64
CA TYR A 316 -0.01 15.75 -5.46
C TYR A 316 -1.48 16.03 -5.51
N VAL A 317 -2.27 15.11 -4.96
CA VAL A 317 -3.69 15.32 -4.77
C VAL A 317 -3.95 15.55 -3.29
N ASP A 318 -4.96 16.35 -2.99
CA ASP A 318 -5.27 16.73 -1.62
C ASP A 318 -6.14 15.68 -0.96
N LEU A 319 -5.53 14.56 -0.60
CA LEU A 319 -6.28 13.45 -0.03
C LEU A 319 -5.42 12.84 1.05
N ASN A 320 -6.01 12.56 2.21
CA ASN A 320 -5.27 11.97 3.31
C ASN A 320 -4.02 12.80 3.60
N ASP A 321 -4.17 14.12 3.60
CA ASP A 321 -3.06 15.04 3.87
C ASP A 321 -2.00 15.08 2.77
N GLY A 322 -2.35 14.57 1.59
CA GLY A 322 -1.50 14.72 0.42
C GLY A 322 -0.89 13.41 -0.05
N ARG A 323 -1.15 13.06 -1.31
CA ARG A 323 -0.65 11.81 -1.87
C ARG A 323 -0.08 12.06 -3.27
N LEU A 324 1.10 11.51 -3.53
CA LEU A 324 1.72 11.63 -4.84
C LEU A 324 0.93 10.77 -5.80
N ILE A 325 0.52 11.34 -6.92
CA ILE A 325 -0.29 10.61 -7.87
C ILE A 325 0.50 9.50 -8.57
N GLU A 326 1.71 9.84 -9.00
CA GLU A 326 2.58 8.86 -9.67
C GLU A 326 4.03 9.34 -9.66
N SER A 327 4.95 8.40 -9.81
CA SER A 327 6.36 8.67 -9.80
C SER A 327 6.73 9.51 -11.02
N ARG A 328 7.75 10.34 -10.85
CA ARG A 328 8.26 11.22 -11.89
C ARG A 328 9.77 11.28 -11.82
N ASP A 329 10.40 11.80 -12.88
CA ASP A 329 11.82 12.09 -12.85
C ASP A 329 12.11 13.04 -11.70
N VAL A 330 11.29 14.08 -11.56
CA VAL A 330 11.44 15.00 -10.44
C VAL A 330 10.11 15.69 -10.11
N VAL A 331 9.87 15.91 -8.83
CA VAL A 331 8.69 16.65 -8.39
C VAL A 331 9.14 18.05 -7.97
N PHE A 332 8.41 19.06 -8.40
CA PHE A 332 8.74 20.45 -8.08
C PHE A 332 7.78 20.98 -7.03
N GLU A 333 8.25 21.03 -5.79
CA GLU A 333 7.43 21.51 -4.70
C GLU A 333 7.60 23.00 -4.49
N CYS A 334 6.59 23.60 -3.88
CA CYS A 334 6.68 24.96 -3.39
C CYS A 334 7.81 25.06 -2.37
N GLY A 335 8.45 26.22 -2.32
CA GLY A 335 9.63 26.40 -1.50
C GLY A 335 9.61 27.66 -0.64
N PRO A 336 10.78 28.05 -0.14
CA PRO A 336 10.97 29.16 0.82
C PRO A 336 10.44 30.52 0.33
N HIS A 337 10.49 30.76 -0.97
CA HIS A 337 10.00 32.03 -1.52
C HIS A 337 8.57 32.00 -2.06
N CYS A 338 7.90 30.85 -2.02
CA CYS A 338 6.52 30.79 -2.49
C CYS A 338 5.60 31.52 -1.52
N GLY A 339 4.54 32.12 -2.06
CA GLY A 339 3.63 32.92 -1.27
C GLY A 339 2.70 32.08 -0.41
N CYS A 340 2.64 30.78 -0.69
CA CYS A 340 1.74 29.86 -0.02
C CYS A 340 2.26 29.48 1.36
N GLY A 341 1.33 29.16 2.25
CA GLY A 341 1.67 28.69 3.58
C GLY A 341 1.96 27.20 3.61
N PRO A 342 2.32 26.68 4.79
CA PRO A 342 2.81 25.30 4.90
C PRO A 342 1.77 24.26 4.60
N LYS A 343 0.49 24.66 4.56
CA LYS A 343 -0.58 23.71 4.30
C LYS A 343 -0.72 23.37 2.82
N CYS A 344 0.01 24.10 1.97
CA CYS A 344 -0.08 23.90 0.52
C CYS A 344 0.13 22.45 0.16
N VAL A 345 -0.71 21.92 -0.73
CA VAL A 345 -0.61 20.50 -1.07
C VAL A 345 0.66 20.24 -1.89
N ASN A 346 1.12 21.29 -2.56
CA ASN A 346 2.38 21.19 -3.28
C ASN A 346 3.61 21.32 -2.37
N ARG A 347 3.39 21.25 -1.06
CA ARG A 347 4.46 21.03 -0.11
C ARG A 347 4.32 19.67 0.58
N THR A 348 3.62 18.72 -0.05
CA THR A 348 3.36 17.41 0.59
C THR A 348 4.52 16.76 1.38
N SER A 349 5.71 16.64 0.78
CA SER A 349 6.80 15.94 1.46
C SER A 349 7.49 16.74 2.57
N GLN A 350 7.08 17.99 2.74
CA GLN A 350 7.69 18.86 3.74
C GLN A 350 6.97 18.75 5.07
N LYS A 351 5.83 18.09 5.05
CA LYS A 351 4.99 18.07 6.24
C LYS A 351 5.50 17.07 7.28
N ARG A 352 4.92 17.16 8.48
CA ARG A 352 5.40 16.39 9.61
C ARG A 352 5.10 14.92 9.41
N LEU A 353 5.86 14.08 10.10
CA LEU A 353 5.67 12.64 10.02
C LEU A 353 4.22 12.31 10.37
N ARG A 354 3.54 11.62 9.45
CA ARG A 354 2.12 11.35 9.57
C ARG A 354 1.81 10.04 10.28
N PHE A 355 2.80 9.16 10.42
CA PHE A 355 2.51 7.79 10.85
C PHE A 355 3.29 7.37 12.09
N ASN A 356 2.69 6.48 12.88
CA ASN A 356 3.38 5.88 14.01
C ASN A 356 4.26 4.74 13.54
N LEU A 357 5.57 4.91 13.65
CA LEU A 357 6.51 3.93 13.14
C LEU A 357 7.32 3.33 14.26
N GLU A 358 8.03 2.27 13.94
CA GLU A 358 8.86 1.59 14.91
C GLU A 358 10.13 1.09 14.24
N VAL A 359 11.26 1.28 14.90
CA VAL A 359 12.49 0.64 14.47
C VAL A 359 12.63 -0.64 15.26
N PHE A 360 12.96 -1.74 14.60
CA PHE A 360 13.11 -3.01 15.29
C PHE A 360 14.32 -3.80 14.78
N ARG A 361 14.91 -4.60 15.67
CA ARG A 361 16.01 -5.47 15.29
C ARG A 361 15.45 -6.63 14.50
N SER A 362 15.97 -6.80 13.28
CA SER A 362 15.63 -7.94 12.44
C SER A 362 16.57 -9.09 12.74
N ALA A 363 16.24 -10.25 12.18
CA ALA A 363 17.05 -11.44 12.40
C ALA A 363 18.47 -11.34 11.84
N LYS A 364 18.63 -10.83 10.62
CA LYS A 364 19.98 -10.68 10.09
C LYS A 364 20.11 -9.52 9.09
N LYS A 365 19.29 -8.49 9.22
CA LYS A 365 19.48 -7.29 8.41
C LYS A 365 19.84 -6.15 9.35
N GLY A 366 19.92 -6.48 10.64
CA GLY A 366 20.17 -5.47 11.64
C GLY A 366 18.90 -4.69 11.92
N TRP A 367 18.99 -3.36 11.85
CA TRP A 367 17.82 -2.53 12.10
C TRP A 367 16.85 -2.48 10.92
N ALA A 368 15.57 -2.40 11.24
CA ALA A 368 14.49 -2.34 10.24
C ALA A 368 13.43 -1.35 10.72
N VAL A 369 12.54 -0.91 9.82
CA VAL A 369 11.45 -0.02 10.22
C VAL A 369 10.11 -0.60 9.78
N ARG A 370 9.10 -0.51 10.64
CA ARG A 370 7.74 -0.88 10.25
C ARG A 370 6.73 0.16 10.71
N SER A 371 5.50 0.04 10.22
CA SER A 371 4.46 0.98 10.59
C SER A 371 3.40 0.33 11.47
N TRP A 372 2.85 1.12 12.39
CA TRP A 372 1.81 0.64 13.28
C TRP A 372 0.43 0.95 12.73
N GLU A 373 0.38 1.73 11.67
CA GLU A 373 -0.89 2.07 11.05
C GLU A 373 -0.82 1.93 9.54
N TYR A 374 -1.99 2.00 8.91
CA TYR A 374 -2.11 1.90 7.47
C TYR A 374 -1.45 3.07 6.77
N ILE A 375 -0.69 2.77 5.71
CA ILE A 375 -0.08 3.80 4.87
C ILE A 375 -0.62 3.74 3.44
N PRO A 376 -1.41 4.75 3.04
CA PRO A 376 -1.97 4.75 1.68
C PRO A 376 -0.89 4.95 0.63
N ALA A 377 -1.07 4.31 -0.52
CA ALA A 377 -0.15 4.46 -1.64
C ALA A 377 -0.07 5.92 -2.08
N GLY A 378 1.14 6.43 -2.25
CA GLY A 378 1.33 7.82 -2.62
C GLY A 378 1.67 8.70 -1.44
N SER A 379 1.53 8.18 -0.22
CA SER A 379 1.81 8.97 0.97
C SER A 379 3.32 9.08 1.11
N PRO A 380 3.79 10.27 1.51
CA PRO A 380 5.22 10.39 1.82
C PRO A 380 5.53 9.68 3.13
N VAL A 381 6.65 8.97 3.16
CA VAL A 381 7.15 8.38 4.39
C VAL A 381 8.24 9.26 5.00
N CYS A 382 9.27 9.61 4.23
CA CYS A 382 10.29 10.51 4.81
C CYS A 382 11.29 10.94 3.79
N GLU A 383 11.94 12.08 4.04
CA GLU A 383 13.08 12.47 3.25
C GLU A 383 14.27 11.68 3.79
N TYR A 384 15.18 11.28 2.92
CA TYR A 384 16.44 10.75 3.40
C TYR A 384 17.32 11.91 3.87
N ILE A 385 17.43 12.06 5.19
CA ILE A 385 18.23 13.13 5.81
C ILE A 385 19.57 12.63 6.36
N GLY A 386 20.62 13.41 6.16
CA GLY A 386 21.96 13.10 6.64
C GLY A 386 22.87 14.28 6.32
N VAL A 387 24.17 14.05 6.28
CA VAL A 387 25.12 15.10 5.90
C VAL A 387 25.41 15.04 4.41
N VAL A 388 25.04 16.08 3.67
CA VAL A 388 25.31 16.12 2.24
C VAL A 388 26.80 16.34 1.98
N ARG A 389 27.45 15.34 1.38
CA ARG A 389 28.88 15.39 1.10
C ARG A 389 29.13 15.22 -0.40
N ARG A 390 30.32 15.65 -0.84
CA ARG A 390 30.78 15.32 -2.18
C ARG A 390 31.13 13.84 -2.19
N THR A 391 30.73 13.15 -3.25
CA THR A 391 30.99 11.71 -3.37
C THR A 391 32.48 11.39 -3.36
N ALA A 392 33.28 12.24 -4.00
CA ALA A 392 34.72 12.05 -4.07
C ALA A 392 35.34 12.02 -2.67
N ASP A 393 34.81 12.83 -1.77
CA ASP A 393 35.32 12.93 -0.40
C ASP A 393 35.01 11.71 0.48
N VAL A 394 34.25 10.76 -0.04
CA VAL A 394 33.93 9.57 0.75
C VAL A 394 34.57 8.30 0.19
N ASN A 400 30.29 4.36 4.03
CA ASN A 400 29.94 2.97 4.31
C ASN A 400 28.51 2.59 3.91
N GLU A 401 27.77 2.01 4.85
CA GLU A 401 26.47 1.40 4.55
C GLU A 401 25.32 2.40 4.42
N TYR A 402 25.51 3.62 4.91
CA TYR A 402 24.39 4.55 5.00
C TYR A 402 24.55 5.77 4.11
N ILE A 403 25.15 5.56 2.94
CA ILE A 403 25.32 6.63 1.97
C ILE A 403 24.34 6.49 0.81
N PHE A 404 23.55 7.54 0.60
CA PHE A 404 22.59 7.56 -0.49
C PHE A 404 23.09 8.51 -1.58
N GLU A 405 23.47 7.97 -2.74
CA GLU A 405 23.90 8.83 -3.84
C GLU A 405 22.70 9.51 -4.49
N ILE A 406 22.86 10.81 -4.78
CA ILE A 406 21.79 11.58 -5.41
C ILE A 406 21.95 11.56 -6.93
N ASP A 407 21.03 10.87 -7.61
CA ASP A 407 21.04 10.84 -9.07
C ASP A 407 19.62 10.88 -9.65
N CYS A 408 19.32 11.93 -10.40
CA CYS A 408 18.02 12.08 -11.02
C CYS A 408 18.17 12.56 -12.46
N PRO A 443 27.81 10.44 -10.04
CA PRO A 443 27.02 11.32 -9.16
C PRO A 443 27.94 12.17 -8.30
N GLU A 444 27.78 13.49 -8.36
CA GLU A 444 28.69 14.38 -7.65
C GLU A 444 28.44 14.38 -6.15
N PHE A 445 27.19 14.18 -5.76
CA PHE A 445 26.81 14.40 -4.37
C PHE A 445 26.05 13.23 -3.74
N CYS A 446 26.16 13.13 -2.42
CA CYS A 446 25.48 12.06 -1.70
C CYS A 446 25.07 12.53 -0.32
N ILE A 447 24.20 11.75 0.31
CA ILE A 447 23.70 12.00 1.64
C ILE A 447 24.29 10.93 2.56
N ASP A 448 25.15 11.35 3.47
CA ASP A 448 25.81 10.44 4.41
C ASP A 448 25.10 10.44 5.76
N ALA A 449 24.34 9.38 6.00
CA ALA A 449 23.65 9.24 7.27
C ALA A 449 24.41 8.28 8.19
N GLY A 450 25.73 8.20 7.99
CA GLY A 450 26.57 7.32 8.77
C GLY A 450 26.59 7.64 10.26
N SER A 451 26.57 8.92 10.59
CA SER A 451 26.72 9.32 11.97
C SER A 451 25.57 10.19 12.42
N THR A 452 24.93 10.86 11.47
CA THR A 452 23.78 11.67 11.82
C THR A 452 22.75 11.67 10.68
N GLY A 453 21.48 11.72 11.05
CA GLY A 453 20.41 11.69 10.07
C GLY A 453 19.05 11.53 10.73
N ASN A 454 18.01 11.42 9.92
CA ASN A 454 16.69 11.05 10.44
C ASN A 454 16.50 9.53 10.35
N PHE A 455 15.28 9.04 10.49
CA PHE A 455 15.04 7.59 10.59
C PHE A 455 15.19 6.83 9.28
N ALA A 456 15.21 7.57 8.17
CA ALA A 456 15.28 6.99 6.83
C ALA A 456 16.39 5.97 6.69
N ARG A 457 17.53 6.23 7.33
CA ARG A 457 18.70 5.35 7.22
C ARG A 457 18.48 3.94 7.78
N PHE A 458 17.44 3.76 8.59
CA PHE A 458 17.16 2.46 9.20
C PHE A 458 16.31 1.56 8.30
N ILE A 459 15.88 2.10 7.16
CA ILE A 459 15.01 1.35 6.26
C ILE A 459 15.79 0.40 5.35
N ASN A 460 15.44 -0.88 5.38
CA ASN A 460 16.18 -1.88 4.64
C ASN A 460 15.84 -1.97 3.16
N HIS A 461 16.69 -2.67 2.42
CA HIS A 461 16.48 -2.99 1.02
C HIS A 461 15.56 -4.21 0.89
N SER A 462 14.77 -4.23 -0.18
CA SER A 462 14.06 -5.43 -0.59
C SER A 462 13.97 -5.50 -2.10
N CYS A 463 13.95 -6.73 -2.61
CA CYS A 463 13.83 -6.97 -4.03
C CYS A 463 12.39 -6.79 -4.48
N GLU A 464 11.45 -6.89 -3.54
CA GLU A 464 10.05 -6.48 -3.80
C GLU A 464 9.57 -5.43 -2.79
N PRO A 465 9.97 -4.18 -3.00
CA PRO A 465 9.78 -3.07 -2.08
C PRO A 465 8.33 -2.58 -2.02
N ASN A 466 7.95 -1.96 -0.89
CA ASN A 466 6.67 -1.27 -0.81
C ASN A 466 6.84 0.27 -0.77
N LEU A 467 8.10 0.71 -0.83
CA LEU A 467 8.41 2.13 -1.00
C LEU A 467 9.18 2.38 -2.29
N PHE A 468 9.18 3.63 -2.75
CA PHE A 468 10.04 4.03 -3.84
C PHE A 468 10.63 5.41 -3.58
N VAL A 469 11.76 5.67 -4.24
CA VAL A 469 12.51 6.91 -4.13
C VAL A 469 12.03 7.92 -5.16
N GLN A 470 11.71 9.12 -4.68
CA GLN A 470 11.27 10.20 -5.52
C GLN A 470 12.15 11.43 -5.31
N CYS A 471 12.78 11.91 -6.39
CA CYS A 471 13.56 13.14 -6.32
C CYS A 471 12.63 14.35 -6.29
N VAL A 472 12.90 15.25 -5.34
CA VAL A 472 12.07 16.44 -5.17
C VAL A 472 12.96 17.69 -5.12
N LEU A 473 12.61 18.71 -5.90
CA LEU A 473 13.23 20.03 -5.81
C LEU A 473 12.24 21.02 -5.20
N SER A 474 12.68 21.81 -4.24
CA SER A 474 11.79 22.79 -3.59
C SER A 474 12.52 24.08 -3.29
N SER A 475 13.69 23.97 -2.67
CA SER A 475 14.45 25.17 -2.33
C SER A 475 15.39 25.63 -3.45
N HIS A 476 15.67 24.75 -4.40
CA HIS A 476 16.49 25.11 -5.56
C HIS A 476 16.20 24.19 -6.76
N GLN A 477 16.90 24.44 -7.86
CA GLN A 477 16.66 23.75 -9.12
C GLN A 477 17.86 22.95 -9.59
N ASP A 478 18.75 22.61 -8.67
CA ASP A 478 19.93 21.83 -9.00
C ASP A 478 19.68 20.33 -8.76
N ILE A 479 19.36 19.61 -9.83
CA ILE A 479 19.00 18.21 -9.73
C ILE A 479 20.10 17.36 -9.06
N ARG A 480 21.34 17.85 -9.13
CA ARG A 480 22.47 17.21 -8.46
C ARG A 480 22.27 17.13 -6.95
N LEU A 481 21.54 18.11 -6.42
CA LEU A 481 21.33 18.25 -4.99
C LEU A 481 19.86 18.12 -4.63
N ALA A 482 19.12 17.34 -5.40
CA ALA A 482 17.69 17.14 -5.13
C ALA A 482 17.47 16.54 -3.75
N ARG A 483 16.31 16.83 -3.18
CA ARG A 483 15.83 16.14 -2.00
C ARG A 483 15.44 14.72 -2.38
N VAL A 484 15.78 13.76 -1.52
CA VAL A 484 15.48 12.37 -1.78
C VAL A 484 14.37 11.93 -0.84
N VAL A 485 13.20 11.62 -1.38
CA VAL A 485 12.03 11.34 -0.53
C VAL A 485 11.43 9.95 -0.78
N LEU A 486 11.22 9.20 0.29
CA LEU A 486 10.59 7.89 0.23
C LEU A 486 9.08 8.03 0.35
N PHE A 487 8.42 7.51 -0.70
CA PHE A 487 6.98 7.44 -0.81
C PHE A 487 6.48 6.00 -0.78
N ALA A 488 5.29 5.77 -0.24
CA ALA A 488 4.69 4.45 -0.31
C ALA A 488 4.30 4.13 -1.75
N ALA A 489 4.79 3.00 -2.27
CA ALA A 489 4.42 2.53 -3.60
C ALA A 489 3.10 1.76 -3.56
N ASP A 490 2.77 1.26 -2.38
CA ASP A 490 1.61 0.41 -2.23
C ASP A 490 0.87 0.83 -1.00
N ASN A 491 -0.39 0.38 -0.89
CA ASN A 491 -1.07 0.45 0.39
C ASN A 491 -0.38 -0.53 1.37
N ILE A 492 0.05 -0.01 2.50
CA ILE A 492 0.84 -0.79 3.45
C ILE A 492 0.01 -1.04 4.72
N SER A 493 0.01 -2.29 5.18
CA SER A 493 -0.73 -2.64 6.40
C SER A 493 0.16 -2.51 7.62
N PRO A 494 -0.44 -2.37 8.81
CA PRO A 494 0.33 -2.32 10.07
C PRO A 494 1.28 -3.51 10.24
N MET A 495 2.47 -3.26 10.80
CA MET A 495 3.50 -4.27 11.07
C MET A 495 4.25 -4.78 9.83
N GLN A 496 3.88 -4.32 8.65
CA GLN A 496 4.66 -4.62 7.46
C GLN A 496 5.96 -3.79 7.44
N GLU A 497 7.09 -4.46 7.24
CA GLU A 497 8.37 -3.78 7.15
C GLU A 497 8.36 -2.85 5.95
N LEU A 498 8.88 -1.64 6.12
CA LEU A 498 8.99 -0.70 5.01
C LEU A 498 10.31 -0.95 4.32
N THR A 499 10.28 -1.07 3.00
CA THR A 499 11.51 -1.32 2.24
C THR A 499 11.51 -0.58 0.92
N TYR A 500 12.71 -0.36 0.38
CA TYR A 500 12.82 0.13 -0.99
C TYR A 500 13.95 -0.62 -1.68
N ASP A 501 13.99 -0.56 -3.01
CA ASP A 501 15.06 -1.23 -3.75
C ASP A 501 16.30 -0.33 -3.84
N TYR A 502 17.40 -0.76 -3.25
CA TYR A 502 18.65 0.02 -3.30
C TYR A 502 19.14 0.15 -4.74
N GLY A 503 18.98 -0.93 -5.49
CA GLY A 503 19.33 -0.94 -6.90
C GLY A 503 20.80 -0.99 -7.23
N TYR A 504 21.61 -1.55 -6.33
CA TYR A 504 23.01 -1.82 -6.67
C TYR A 504 23.03 -2.85 -7.78
N ALA A 505 23.81 -2.59 -8.83
CA ALA A 505 23.98 -3.57 -9.90
C ALA A 505 24.87 -4.70 -9.41
N LEU A 506 24.62 -5.90 -9.92
CA LEU A 506 25.39 -7.08 -9.55
C LEU A 506 26.88 -6.86 -9.81
N ASP A 507 27.71 -7.36 -8.91
CA ASP A 507 29.17 -7.25 -9.01
C ASP A 507 29.63 -5.79 -9.11
N SER A 508 29.05 -4.92 -8.30
CA SER A 508 29.36 -3.49 -8.39
C SER A 508 30.63 -3.06 -7.66
N VAL A 509 30.93 -3.70 -6.53
CA VAL A 509 32.07 -3.26 -5.72
C VAL A 509 33.28 -4.18 -5.83
N HIS A 510 34.45 -3.56 -5.97
CA HIS A 510 35.69 -4.25 -6.24
C HIS A 510 36.76 -3.89 -5.21
N GLY A 511 37.54 -4.88 -4.79
CA GLY A 511 38.53 -4.71 -3.75
C GLY A 511 39.69 -3.73 -3.92
N PRO A 512 40.25 -3.64 -5.12
CA PRO A 512 39.97 -4.61 -6.17
C PRO A 512 41.28 -5.24 -6.58
N ASP A 513 41.30 -6.55 -6.47
CA ASP A 513 42.36 -7.34 -7.00
C ASP A 513 41.74 -7.76 -8.32
N GLY A 514 40.60 -7.11 -8.58
CA GLY A 514 39.59 -7.54 -9.51
C GLY A 514 38.59 -8.36 -8.72
N LYS A 515 38.89 -8.56 -7.44
CA LYS A 515 38.07 -9.45 -6.66
C LYS A 515 36.73 -8.79 -6.35
N VAL A 516 35.65 -9.47 -6.71
CA VAL A 516 34.33 -8.92 -6.46
C VAL A 516 33.95 -9.04 -4.99
N LYS A 517 33.77 -7.90 -4.33
CA LYS A 517 33.25 -7.88 -2.99
C LYS A 517 31.73 -7.98 -3.10
N GLN A 518 31.14 -8.95 -2.40
CA GLN A 518 29.70 -9.19 -2.52
C GLN A 518 28.98 -9.15 -1.17
N LEU A 519 27.69 -8.88 -1.23
CA LEU A 519 26.83 -8.86 -0.05
C LEU A 519 25.59 -9.71 -0.31
N ALA A 520 25.30 -10.63 0.60
CA ALA A 520 24.13 -11.48 0.47
C ALA A 520 22.85 -10.74 0.88
N CYS A 521 21.78 -11.00 0.15
CA CYS A 521 20.49 -10.38 0.42
C CYS A 521 19.54 -11.31 1.10
N TYR A 522 18.82 -10.70 2.00
CA TYR A 522 17.97 -11.46 2.87
C TYR A 522 16.57 -10.81 2.98
N CYS A 523 16.11 -10.19 1.90
CA CYS A 523 14.79 -9.56 2.00
C CYS A 523 13.69 -10.61 2.16
N GLY A 524 14.01 -11.85 1.80
CA GLY A 524 13.09 -12.97 1.96
C GLY A 524 12.09 -13.03 0.83
N ALA A 525 12.20 -12.08 -0.09
CA ALA A 525 11.31 -12.00 -1.24
C ALA A 525 11.42 -13.26 -2.08
N LEU A 526 10.30 -13.64 -2.70
CA LEU A 526 10.23 -14.86 -3.48
C LEU A 526 11.11 -14.84 -4.73
N ASN A 527 11.44 -13.64 -5.22
CA ASN A 527 12.32 -13.48 -6.38
C ASN A 527 13.52 -12.61 -6.01
N CYS A 528 14.35 -13.13 -5.12
CA CYS A 528 15.33 -12.34 -4.38
C CYS A 528 16.62 -11.98 -5.13
N ARG A 529 16.95 -12.66 -6.23
CA ARG A 529 18.26 -12.48 -6.88
C ARG A 529 19.47 -12.62 -5.92
N LYS A 530 19.19 -12.84 -4.64
CA LYS A 530 20.13 -13.29 -3.62
C LYS A 530 21.33 -12.38 -3.29
N ARG A 531 21.41 -11.22 -3.92
CA ARG A 531 22.57 -10.35 -3.73
C ARG A 531 22.19 -8.87 -3.66
N LEU A 532 22.71 -8.17 -2.66
CA LEU A 532 22.65 -6.71 -2.63
C LEU A 532 23.52 -6.18 -3.75
N TYR A 533 24.73 -6.71 -3.83
CA TYR A 533 25.67 -6.41 -4.92
C TYR A 533 26.62 -7.57 -5.20
N1 5CM B 7 -23.58 -8.32 2.31
C2 5CM B 7 -23.45 -8.85 3.60
N3 5CM B 7 -23.95 -10.04 3.94
C4 5CM B 7 -24.60 -10.77 3.07
C5 5CM B 7 -24.76 -10.23 1.71
C5A 5CM B 7 -25.50 -11.03 0.71
C6 5CM B 7 -24.25 -9.01 1.40
O2 5CM B 7 -22.85 -8.26 4.45
N4 5CM B 7 -25.12 -11.93 3.37
C1' 5CM B 7 -23.09 -7.00 2.03
C2' 5CM B 7 -22.28 -6.70 0.77
C3' 5CM B 7 -22.60 -5.24 0.58
C4' 5CM B 7 -24.07 -5.20 0.91
O4' 5CM B 7 -24.23 -6.19 1.89
O3' 5CM B 7 -21.93 -4.42 1.53
C5' 5CM B 7 -25.04 -5.36 -0.28
O5' 5CM B 7 -24.85 -6.50 -1.07
P 5CM B 7 -26.02 -7.19 -1.86
OP1 5CM B 7 -25.55 -8.46 -2.28
OP2 5CM B 7 -27.23 -7.05 -1.15
N LYS D 9 22.56 3.20 -2.27
CA LYS D 9 21.13 3.02 -2.27
C LYS D 9 20.57 3.80 -3.45
N SER D 10 21.43 4.00 -4.43
CA SER D 10 21.27 5.07 -5.37
C SER D 10 20.06 5.13 -6.26
N THR D 11 19.71 4.05 -6.94
CA THR D 11 18.83 4.17 -8.11
C THR D 11 17.34 4.45 -7.91
N GLY D 12 16.74 5.04 -8.93
CA GLY D 12 15.33 5.39 -8.92
C GLY D 12 14.89 5.82 -10.29
N GLY D 13 13.63 6.24 -10.39
CA GLY D 13 13.17 7.20 -11.38
C GLY D 13 12.19 6.84 -12.46
N LYS D 14 11.07 7.55 -12.50
CA LYS D 14 9.98 7.18 -13.39
C LYS D 14 9.35 8.31 -14.20
N ALA D 15 10.04 8.79 -15.23
CA ALA D 15 9.65 9.98 -15.98
C ALA D 15 8.20 10.34 -15.78
N SAH E . 19.64 -2.73 8.83
CA SAH E . 20.50 -1.55 8.75
CB SAH E . 19.75 -0.38 8.12
CG SAH E . 19.89 -0.31 6.60
SD SAH E . 21.49 0.36 6.09
C SAH E . 21.08 -1.19 10.11
O SAH E . 21.47 -0.04 10.35
OXT SAH E . 21.19 -2.03 11.00
C5' SAH E . 21.81 -0.98 4.90
C4' SAH E . 22.61 -2.10 5.56
O4' SAH E . 21.71 -2.99 6.20
C3' SAH E . 23.40 -2.90 4.53
O3' SAH E . 24.77 -2.56 4.58
C2' SAH E . 23.20 -4.35 4.94
O2' SAH E . 24.28 -4.80 5.72
C1' SAH E . 21.95 -4.32 5.78
N9 SAH E . 20.83 -4.76 4.92
C8 SAH E . 19.89 -3.96 4.33
N7 SAH E . 19.05 -4.73 3.61
C5 SAH E . 19.45 -6.01 3.73
C6 SAH E . 18.97 -7.20 3.20
N6 SAH E . 17.89 -7.18 2.42
N1 SAH E . 19.59 -8.39 3.50
C2 SAH E . 20.71 -8.41 4.32
N3 SAH E . 21.19 -7.22 4.84
C4 SAH E . 20.57 -6.05 4.56
ZN ZN F . 5.11 27.50 -5.21
ZN ZN G . 2.24 26.29 -2.85
ZN ZN H . 1.55 28.35 -6.27
ZN ZN I . 16.50 -9.95 -1.88
#